data_4V0K
#
_entry.id   4V0K
#
_cell.length_a   65.725
_cell.length_b   65.725
_cell.length_c   185.377
_cell.angle_alpha   90.00
_cell.angle_beta   90.00
_cell.angle_gamma   120.00
#
_symmetry.space_group_name_H-M   'P 32 2 1'
#
loop_
_entity.id
_entity.type
_entity.pdbx_description
1 polymer 'ARF-LIKE SMALL GTPASE'
2 non-polymer "GUANOSINE-5'-DIPHOSPHATE"
3 non-polymer 'CADMIUM ION'
4 water water
#
_entity_poly.entity_id   1
_entity_poly.type   'polypeptide(L)'
_entity_poly.pdbx_seq_one_letter_code
;GAASKKVNVLVVGLDNSGKTTIIERLKPRPRQAAEVAPTVGFTVDEVEKGPLTFTVFDMSGAGRYRTLWEQYYREADAVV
FVVDSADKLRMVVARDEMEHMLKHSNMRKVPILYFANKKDLPVAMPPVEIAQALGLDDIKDRPWQIVPSNGLTGEGVDKG
IDWLAERLS
;
_entity_poly.pdbx_strand_id   A,B
#
loop_
_chem_comp.id
_chem_comp.type
_chem_comp.name
_chem_comp.formula
CD non-polymer 'CADMIUM ION' 'Cd 2'
GDP RNA linking GUANOSINE-5'-DIPHOSPHATE 'C10 H15 N5 O11 P2'
#
# COMPACT_ATOMS: atom_id res chain seq x y z
N LYS A 6 -18.90 -20.83 5.47
CA LYS A 6 -18.05 -20.28 6.53
C LYS A 6 -16.91 -19.41 6.00
N VAL A 7 -16.73 -18.26 6.63
CA VAL A 7 -15.62 -17.39 6.31
C VAL A 7 -14.57 -17.59 7.41
N ASN A 8 -13.41 -18.11 7.03
CA ASN A 8 -12.38 -18.44 8.00
C ASN A 8 -11.31 -17.38 8.10
N VAL A 9 -11.17 -16.81 9.30
CA VAL A 9 -10.14 -15.80 9.56
C VAL A 9 -9.18 -16.36 10.59
N LEU A 10 -7.89 -16.49 10.26
CA LEU A 10 -6.91 -16.92 11.23
C LEU A 10 -6.47 -15.73 12.06
N VAL A 11 -6.33 -15.94 13.36
CA VAL A 11 -5.81 -14.90 14.24
C VAL A 11 -4.54 -15.43 14.87
N VAL A 12 -3.42 -14.83 14.47
CA VAL A 12 -2.11 -15.41 14.72
C VAL A 12 -1.13 -14.39 15.31
N GLY A 13 0.11 -14.83 15.50
CA GLY A 13 1.12 -14.00 16.11
C GLY A 13 1.80 -14.79 17.21
N LEU A 14 2.89 -14.25 17.74
CA LEU A 14 3.55 -14.91 18.86
C LEU A 14 2.71 -14.83 20.13
N ASP A 15 3.01 -15.69 21.09
CA ASP A 15 2.40 -15.57 22.40
C ASP A 15 2.71 -14.21 22.99
N ASN A 16 1.79 -13.71 23.83
CA ASN A 16 1.94 -12.43 24.53
C ASN A 16 1.69 -11.21 23.66
N SER A 17 1.24 -11.44 22.42
CA SER A 17 0.99 -10.33 21.51
C SER A 17 -0.32 -9.62 21.85
N GLY A 18 -1.26 -10.37 22.42
CA GLY A 18 -2.54 -9.81 22.85
C GLY A 18 -3.75 -10.33 22.09
N LYS A 19 -3.58 -11.42 21.35
CA LYS A 19 -4.64 -11.87 20.44
C LYS A 19 -5.87 -12.39 21.17
N THR A 20 -5.67 -13.11 22.27
CA THR A 20 -6.81 -13.58 23.04
C THR A 20 -7.61 -12.41 23.62
N THR A 21 -6.90 -11.41 24.11
CA THR A 21 -7.53 -10.20 24.65
C THR A 21 -8.34 -9.46 23.60
N ILE A 22 -7.79 -9.34 22.39
CA ILE A 22 -8.48 -8.65 21.30
C ILE A 22 -9.73 -9.40 20.85
N ILE A 23 -9.61 -10.71 20.64
CA ILE A 23 -10.71 -11.50 20.12
C ILE A 23 -11.84 -11.64 21.15
N GLU A 24 -11.48 -11.54 22.43
CA GLU A 24 -12.49 -11.57 23.48
C GLU A 24 -13.49 -10.41 23.34
N ARG A 25 -13.00 -9.29 22.84
CA ARG A 25 -13.83 -8.10 22.57
C ARG A 25 -14.91 -8.43 21.55
N LEU A 26 -14.59 -9.34 20.63
CA LEU A 26 -15.46 -9.61 19.50
C LEU A 26 -16.58 -10.61 19.80
N LYS A 27 -16.35 -11.45 20.81
CA LYS A 27 -17.35 -12.39 21.28
C LYS A 27 -16.89 -13.00 22.59
N GLY A 41 0.62 -28.76 25.06
CA GLY A 41 0.97 -28.90 23.66
C GLY A 41 0.43 -27.75 22.83
N PHE A 42 0.27 -27.97 21.53
CA PHE A 42 -0.32 -26.96 20.66
C PHE A 42 -1.83 -26.84 20.89
N THR A 43 -2.30 -25.59 21.03
CA THR A 43 -3.69 -25.29 21.37
C THR A 43 -4.32 -24.25 20.46
N VAL A 44 -5.58 -24.45 20.09
CA VAL A 44 -6.31 -23.50 19.26
C VAL A 44 -7.63 -23.11 19.94
N ASP A 45 -8.06 -21.86 19.75
CA ASP A 45 -9.39 -21.44 20.17
C ASP A 45 -10.22 -21.01 18.98
N GLU A 46 -11.52 -21.30 19.04
CA GLU A 46 -12.42 -20.95 17.97
C GLU A 46 -13.49 -19.97 18.44
N VAL A 47 -13.69 -18.91 17.67
CA VAL A 47 -14.71 -17.92 18.00
C VAL A 47 -15.59 -17.67 16.79
N GLU A 48 -16.88 -17.96 16.96
CA GLU A 48 -17.89 -17.83 15.93
C GLU A 48 -18.60 -16.51 16.01
N LYS A 49 -18.81 -15.89 14.86
CA LYS A 49 -19.63 -14.70 14.79
C LYS A 49 -20.40 -14.78 13.47
N GLY A 50 -21.53 -15.48 13.49
CA GLY A 50 -22.28 -15.74 12.27
C GLY A 50 -21.43 -16.58 11.33
N PRO A 51 -21.39 -16.21 10.04
CA PRO A 51 -20.57 -16.95 9.07
C PRO A 51 -19.08 -16.77 9.33
N LEU A 52 -18.68 -15.79 10.13
CA LEU A 52 -17.24 -15.66 10.45
C LEU A 52 -16.85 -16.65 11.52
N THR A 53 -15.73 -17.32 11.28
CA THR A 53 -15.09 -18.10 12.32
C THR A 53 -13.65 -17.67 12.46
N PHE A 54 -13.29 -17.25 13.68
CA PHE A 54 -11.91 -16.93 14.02
C PHE A 54 -11.23 -18.17 14.56
N THR A 55 -10.12 -18.57 13.94
CA THR A 55 -9.27 -19.63 14.44
C THR A 55 -8.04 -18.98 15.03
N VAL A 56 -7.90 -19.09 16.34
CA VAL A 56 -6.95 -18.29 17.09
C VAL A 56 -5.84 -19.16 17.67
N PHE A 57 -4.60 -18.86 17.35
CA PHE A 57 -3.49 -19.67 17.87
C PHE A 57 -2.19 -18.89 17.94
N ASP A 58 -1.27 -19.37 18.77
CA ASP A 58 0.06 -18.75 18.91
C ASP A 58 1.08 -19.40 17.98
N MET A 59 1.92 -18.57 17.39
CA MET A 59 3.01 -19.06 16.54
C MET A 59 4.30 -19.17 17.33
N SER A 60 4.19 -19.67 18.54
CA SER A 60 5.34 -19.84 19.41
C SER A 60 5.92 -21.25 19.29
N GLY A 61 7.20 -21.38 19.60
CA GLY A 61 7.84 -22.69 19.61
C GLY A 61 8.64 -23.03 18.36
N ALA A 62 8.69 -22.10 17.42
CA ALA A 62 9.37 -22.33 16.14
C ALA A 62 8.88 -23.59 15.45
N GLY A 63 9.80 -24.48 15.08
CA GLY A 63 9.44 -25.69 14.36
C GLY A 63 8.68 -26.76 15.14
N ARG A 64 8.49 -26.57 16.45
CA ARG A 64 7.85 -27.59 17.28
C ARG A 64 6.44 -27.93 16.82
N TYR A 65 5.63 -26.89 16.59
CA TYR A 65 4.23 -27.06 16.21
C TYR A 65 3.87 -26.43 14.88
N ARG A 66 4.84 -25.83 14.21
CA ARG A 66 4.56 -25.06 13.00
C ARG A 66 3.78 -25.87 11.97
N THR A 67 4.16 -27.14 11.81
CA THR A 67 3.53 -28.02 10.84
C THR A 67 2.05 -28.26 11.17
N LEU A 68 1.70 -28.24 12.46
CA LEU A 68 0.29 -28.34 12.85
C LEU A 68 -0.51 -27.12 12.40
N TRP A 69 -0.03 -25.92 12.72
CA TRP A 69 -0.83 -24.73 12.41
C TRP A 69 -0.92 -24.42 10.93
N GLU A 70 0.06 -24.88 10.16
CA GLU A 70 0.04 -24.68 8.71
C GLU A 70 -1.14 -25.42 8.08
N GLN A 71 -1.70 -26.39 8.80
CA GLN A 71 -2.88 -27.10 8.33
C GLN A 71 -4.12 -26.20 8.28
N TYR A 72 -4.08 -25.07 8.98
CA TYR A 72 -5.21 -24.14 8.96
C TYR A 72 -5.15 -23.18 7.76
N TYR A 73 -4.05 -23.21 7.01
CA TYR A 73 -3.87 -22.22 5.94
C TYR A 73 -4.81 -22.41 4.75
N ARG A 74 -5.02 -23.67 4.36
CA ARG A 74 -5.73 -23.97 3.12
C ARG A 74 -7.10 -23.29 3.01
N GLU A 75 -7.84 -23.26 4.12
CA GLU A 75 -9.19 -22.69 4.13
C GLU A 75 -9.22 -21.23 4.61
N ALA A 76 -8.05 -20.67 4.92
CA ALA A 76 -8.01 -19.29 5.43
C ALA A 76 -8.46 -18.27 4.38
N ASP A 77 -9.42 -17.42 4.75
CA ASP A 77 -9.92 -16.36 3.86
C ASP A 77 -9.31 -15.00 4.18
N ALA A 78 -8.66 -14.91 5.34
CA ALA A 78 -8.00 -13.68 5.77
C ALA A 78 -7.19 -14.00 7.01
N VAL A 79 -6.27 -13.11 7.34
CA VAL A 79 -5.41 -13.30 8.50
C VAL A 79 -5.38 -12.03 9.33
N VAL A 80 -5.50 -12.20 10.65
CA VAL A 80 -5.21 -11.12 11.59
C VAL A 80 -3.92 -11.48 12.27
N PHE A 81 -2.88 -10.66 12.05
CA PHE A 81 -1.56 -10.93 12.62
C PHE A 81 -1.33 -9.93 13.74
N VAL A 82 -1.32 -10.44 14.98
CA VAL A 82 -1.20 -9.59 16.15
C VAL A 82 0.26 -9.50 16.61
N VAL A 83 0.75 -8.28 16.80
CA VAL A 83 2.12 -8.05 17.21
C VAL A 83 2.17 -7.17 18.47
N ASP A 84 3.01 -7.54 19.43
CA ASP A 84 3.30 -6.65 20.56
C ASP A 84 4.23 -5.54 20.07
N SER A 85 3.69 -4.33 19.96
CA SER A 85 4.40 -3.17 19.44
C SER A 85 5.64 -2.81 20.24
N ALA A 86 5.70 -3.28 21.48
CA ALA A 86 6.75 -2.91 22.42
C ALA A 86 7.79 -4.02 22.66
N ASP A 87 7.76 -5.08 21.86
CA ASP A 87 8.66 -6.22 22.05
C ASP A 87 9.54 -6.52 20.83
N LYS A 88 10.69 -5.86 20.76
CA LYS A 88 11.60 -5.98 19.61
C LYS A 88 12.13 -7.39 19.34
N LEU A 89 12.55 -8.07 20.40
CA LEU A 89 13.14 -9.40 20.27
C LEU A 89 12.21 -10.38 19.61
N ARG A 90 10.95 -10.31 20.04
CA ARG A 90 9.98 -11.24 19.52
C ARG A 90 9.52 -10.81 18.16
N MET A 91 9.77 -9.55 17.81
CA MET A 91 9.48 -9.11 16.46
C MET A 91 10.40 -9.81 15.45
N VAL A 92 11.59 -10.20 15.89
CA VAL A 92 12.49 -10.99 15.05
C VAL A 92 11.85 -12.34 14.72
N VAL A 93 11.36 -13.02 15.75
CA VAL A 93 10.71 -14.32 15.54
C VAL A 93 9.37 -14.13 14.82
N ALA A 94 8.64 -13.07 15.14
CA ALA A 94 7.37 -12.80 14.46
C ALA A 94 7.56 -12.65 12.96
N ARG A 95 8.60 -11.92 12.56
CA ARG A 95 8.90 -11.77 11.14
C ARG A 95 9.15 -13.12 10.47
N ASP A 96 9.95 -13.96 11.13
CA ASP A 96 10.23 -15.27 10.59
C ASP A 96 8.95 -16.11 10.41
N GLU A 97 8.11 -16.15 11.43
CA GLU A 97 6.90 -16.95 11.34
C GLU A 97 5.96 -16.41 10.28
N MET A 98 5.93 -15.09 10.14
CA MET A 98 5.14 -14.44 9.11
C MET A 98 5.62 -14.85 7.72
N GLU A 99 6.94 -14.92 7.55
CA GLU A 99 7.52 -15.31 6.28
C GLU A 99 7.20 -16.77 5.94
N HIS A 100 7.25 -17.66 6.92
CA HIS A 100 6.83 -19.04 6.69
C HIS A 100 5.40 -19.09 6.19
N MET A 101 4.54 -18.29 6.82
CA MET A 101 3.14 -18.23 6.44
C MET A 101 2.97 -17.75 5.01
N LEU A 102 3.60 -16.63 4.67
CA LEU A 102 3.51 -16.06 3.32
C LEU A 102 4.01 -17.02 2.24
N LYS A 103 5.04 -17.79 2.57
CA LYS A 103 5.64 -18.69 1.58
C LYS A 103 4.95 -20.03 1.47
N HIS A 104 4.06 -20.33 2.40
CA HIS A 104 3.41 -21.64 2.43
C HIS A 104 2.46 -21.80 1.24
N SER A 105 2.52 -22.96 0.58
CA SER A 105 1.79 -23.16 -0.66
C SER A 105 0.28 -23.21 -0.45
N ASN A 106 -0.15 -23.47 0.79
CA ASN A 106 -1.60 -23.51 1.08
C ASN A 106 -2.19 -22.16 1.49
N MET A 107 -1.34 -21.19 1.79
CA MET A 107 -1.82 -19.85 2.09
C MET A 107 -2.10 -19.09 0.81
N ARG A 108 -3.37 -18.82 0.55
CA ARG A 108 -3.76 -18.04 -0.61
C ARG A 108 -3.43 -16.57 -0.37
N LYS A 109 -3.51 -15.76 -1.42
CA LYS A 109 -3.14 -14.34 -1.33
C LYS A 109 -4.30 -13.54 -0.77
N VAL A 110 -4.58 -13.78 0.51
CA VAL A 110 -5.72 -13.19 1.20
C VAL A 110 -5.28 -12.02 2.07
N PRO A 111 -6.22 -11.11 2.41
CA PRO A 111 -5.84 -9.90 3.16
C PRO A 111 -5.24 -10.21 4.52
N ILE A 112 -4.26 -9.41 4.94
CA ILE A 112 -3.69 -9.53 6.27
C ILE A 112 -3.85 -8.22 7.01
N LEU A 113 -4.58 -8.29 8.13
CA LEU A 113 -4.65 -7.18 9.06
C LEU A 113 -3.59 -7.36 10.12
N TYR A 114 -2.71 -6.36 10.28
CA TYR A 114 -1.71 -6.37 11.34
C TYR A 114 -2.19 -5.47 12.47
N PHE A 115 -2.40 -6.05 13.64
CA PHE A 115 -2.67 -5.24 14.82
C PHE A 115 -1.33 -4.93 15.47
N ALA A 116 -0.95 -3.65 15.45
CA ALA A 116 0.19 -3.17 16.20
C ALA A 116 -0.33 -2.91 17.60
N ASN A 117 -0.37 -3.96 18.40
CA ASN A 117 -1.05 -3.93 19.69
C ASN A 117 -0.18 -3.33 20.79
N LYS A 118 -0.81 -2.93 21.89
CA LYS A 118 -0.12 -2.29 23.03
C LYS A 118 0.45 -0.92 22.66
N LYS A 119 -0.31 -0.16 21.88
CA LYS A 119 0.10 1.16 21.45
C LYS A 119 0.23 2.13 22.63
N ASP A 120 -0.30 1.72 23.78
CA ASP A 120 -0.28 2.51 25.00
C ASP A 120 1.07 2.50 25.72
N LEU A 121 1.90 1.51 25.41
CA LEU A 121 3.19 1.36 26.09
C LEU A 121 4.22 2.37 25.59
N PRO A 122 5.06 2.87 26.51
CA PRO A 122 6.06 3.91 26.20
C PRO A 122 6.98 3.59 25.03
N VAL A 123 7.37 2.32 24.89
CA VAL A 123 8.29 1.95 23.80
C VAL A 123 7.57 1.42 22.56
N ALA A 124 6.25 1.60 22.51
CA ALA A 124 5.48 1.13 21.38
C ALA A 124 5.98 1.73 20.07
N MET A 125 6.28 0.85 19.14
CA MET A 125 6.70 1.24 17.81
C MET A 125 5.48 1.62 16.98
N PRO A 126 5.53 2.78 16.30
CA PRO A 126 4.50 3.22 15.36
C PRO A 126 4.50 2.35 14.10
N PRO A 127 3.42 2.38 13.31
CA PRO A 127 3.29 1.52 12.13
C PRO A 127 4.47 1.61 11.16
N VAL A 128 5.06 2.79 11.01
CA VAL A 128 6.18 2.90 10.11
C VAL A 128 7.36 2.04 10.60
N GLU A 129 7.57 1.99 11.91
CA GLU A 129 8.65 1.18 12.47
C GLU A 129 8.34 -0.30 12.39
N ILE A 130 7.08 -0.64 12.64
CA ILE A 130 6.65 -2.03 12.52
C ILE A 130 6.74 -2.56 11.09
N ALA A 131 6.29 -1.76 10.12
CA ALA A 131 6.40 -2.15 8.72
C ALA A 131 7.85 -2.43 8.37
N GLN A 132 8.76 -1.58 8.84
CA GLN A 132 10.17 -1.80 8.59
C GLN A 132 10.71 -3.05 9.30
N ALA A 133 10.35 -3.22 10.56
CA ALA A 133 10.82 -4.39 11.32
C ALA A 133 10.40 -5.69 10.70
N LEU A 134 9.14 -5.75 10.25
CA LEU A 134 8.60 -6.97 9.68
C LEU A 134 8.84 -7.14 8.19
N GLY A 135 9.23 -6.07 7.51
CA GLY A 135 9.43 -6.09 6.06
C GLY A 135 8.13 -6.08 5.29
N LEU A 136 7.11 -5.43 5.82
CA LEU A 136 5.78 -5.48 5.20
C LEU A 136 5.71 -4.81 3.83
N ASP A 137 6.55 -3.80 3.58
CA ASP A 137 6.51 -3.11 2.31
C ASP A 137 6.87 -4.03 1.13
N ASP A 138 7.51 -5.15 1.42
CA ASP A 138 7.82 -6.15 0.40
C ASP A 138 6.62 -7.01 0.05
N ILE A 139 5.53 -6.90 0.82
CA ILE A 139 4.31 -7.66 0.50
C ILE A 139 3.50 -6.88 -0.51
N LYS A 140 3.55 -7.32 -1.77
CA LYS A 140 2.93 -6.56 -2.85
C LYS A 140 1.89 -7.36 -3.63
N ASP A 141 1.55 -8.54 -3.11
CA ASP A 141 0.67 -9.45 -3.84
C ASP A 141 -0.70 -9.64 -3.17
N ARG A 142 -0.94 -8.91 -2.08
CA ARG A 142 -2.20 -9.02 -1.34
C ARG A 142 -2.37 -7.78 -0.49
N PRO A 143 -3.63 -7.42 -0.15
CA PRO A 143 -3.81 -6.22 0.68
C PRO A 143 -3.38 -6.46 2.12
N TRP A 144 -2.81 -5.43 2.73
CA TRP A 144 -2.48 -5.49 4.14
C TRP A 144 -2.55 -4.10 4.74
N GLN A 145 -2.75 -4.04 6.05
CA GLN A 145 -2.85 -2.77 6.72
C GLN A 145 -2.42 -2.97 8.15
N ILE A 146 -1.74 -1.98 8.71
CA ILE A 146 -1.39 -2.00 10.11
C ILE A 146 -2.26 -1.02 10.87
N VAL A 147 -2.87 -1.51 11.96
CA VAL A 147 -3.74 -0.70 12.78
C VAL A 147 -3.24 -0.82 14.20
N PRO A 148 -2.82 0.29 14.79
CA PRO A 148 -2.40 0.23 16.19
C PRO A 148 -3.63 0.01 17.06
N SER A 149 -3.46 -0.82 18.07
CA SER A 149 -4.57 -1.20 18.90
C SER A 149 -4.18 -1.23 20.35
N ASN A 150 -5.19 -1.08 21.19
CA ASN A 150 -5.07 -1.32 22.61
C ASN A 150 -6.09 -2.40 22.92
N GLY A 151 -5.61 -3.62 23.18
CA GLY A 151 -6.51 -4.73 23.43
C GLY A 151 -7.30 -4.56 24.71
N LEU A 152 -6.80 -3.73 25.62
CA LEU A 152 -7.46 -3.51 26.89
C LEU A 152 -8.65 -2.57 26.78
N THR A 153 -8.53 -1.53 25.98
CA THR A 153 -9.61 -0.57 25.83
C THR A 153 -10.45 -0.89 24.60
N GLY A 154 -9.85 -1.59 23.64
CA GLY A 154 -10.52 -1.91 22.40
C GLY A 154 -10.22 -0.89 21.32
N GLU A 155 -9.44 0.12 21.65
CA GLU A 155 -9.09 1.14 20.67
C GLU A 155 -8.40 0.53 19.46
N GLY A 156 -8.92 0.84 18.27
CA GLY A 156 -8.36 0.34 17.04
C GLY A 156 -8.91 -0.99 16.57
N VAL A 157 -9.52 -1.76 17.48
CA VAL A 157 -9.93 -3.12 17.15
C VAL A 157 -11.04 -3.17 16.11
N ASP A 158 -12.12 -2.44 16.33
CA ASP A 158 -13.21 -2.40 15.37
C ASP A 158 -12.77 -1.86 14.01
N LYS A 159 -11.93 -0.84 14.03
CA LYS A 159 -11.41 -0.26 12.81
C LYS A 159 -10.66 -1.31 11.98
N GLY A 160 -9.83 -2.11 12.64
CA GLY A 160 -9.09 -3.15 11.98
C GLY A 160 -10.01 -4.24 11.43
N ILE A 161 -10.94 -4.74 12.25
CA ILE A 161 -11.87 -5.76 11.77
C ILE A 161 -12.70 -5.26 10.58
N ASP A 162 -13.13 -4.00 10.62
CA ASP A 162 -13.90 -3.45 9.50
C ASP A 162 -13.11 -3.37 8.22
N TRP A 163 -11.82 -3.04 8.33
CA TRP A 163 -10.93 -3.03 7.18
C TRP A 163 -10.89 -4.42 6.57
N LEU A 164 -10.76 -5.43 7.42
CA LEU A 164 -10.64 -6.81 6.97
C LEU A 164 -11.94 -7.31 6.34
N ALA A 165 -13.05 -7.05 7.02
CA ALA A 165 -14.34 -7.57 6.58
C ALA A 165 -14.74 -7.05 5.19
N GLU A 166 -14.41 -5.80 4.89
CA GLU A 166 -14.77 -5.24 3.59
C GLU A 166 -13.96 -5.86 2.44
N ARG A 167 -12.92 -6.61 2.79
CA ARG A 167 -12.03 -7.20 1.79
CA ARG A 167 -12.04 -7.20 1.79
C ARG A 167 -12.15 -8.70 1.64
N LEU A 168 -13.11 -9.31 2.32
CA LEU A 168 -13.33 -10.73 2.18
C LEU A 168 -13.85 -11.07 0.78
N SER A 169 -13.41 -12.20 0.26
CA SER A 169 -13.97 -12.72 -0.98
C SER A 169 -13.94 -14.24 -0.95
N LYS B 6 17.01 23.90 -11.27
CA LYS B 6 15.63 23.47 -11.07
C LYS B 6 15.44 21.99 -11.41
N VAL B 7 14.86 21.25 -10.48
CA VAL B 7 14.65 19.82 -10.66
C VAL B 7 13.20 19.60 -11.04
N ASN B 8 13.01 19.09 -12.25
CA ASN B 8 11.68 18.95 -12.79
C ASN B 8 11.15 17.54 -12.65
N VAL B 9 10.05 17.41 -11.91
CA VAL B 9 9.42 16.10 -11.75
C VAL B 9 8.03 16.18 -12.39
N LEU B 10 7.77 15.35 -13.41
CA LEU B 10 6.44 15.31 -13.99
C LEU B 10 5.58 14.41 -13.13
N VAL B 11 4.34 14.86 -12.91
CA VAL B 11 3.37 14.07 -12.14
C VAL B 11 2.21 13.81 -13.06
N VAL B 12 2.07 12.55 -13.47
CA VAL B 12 1.21 12.19 -14.59
C VAL B 12 0.32 11.00 -14.25
N GLY B 13 -0.44 10.52 -15.24
CA GLY B 13 -1.41 9.45 -15.04
C GLY B 13 -2.72 9.90 -15.64
N LEU B 14 -3.70 9.00 -15.70
CA LEU B 14 -5.01 9.38 -16.20
C LEU B 14 -5.72 10.31 -15.24
N ASP B 15 -6.71 11.04 -15.75
CA ASP B 15 -7.59 11.80 -14.87
C ASP B 15 -8.22 10.82 -13.88
N ASN B 16 -8.51 11.34 -12.68
CA ASN B 16 -9.16 10.57 -11.60
C ASN B 16 -8.23 9.61 -10.87
N SER B 17 -6.93 9.61 -11.21
CA SER B 17 -6.02 8.68 -10.53
C SER B 17 -5.68 9.15 -9.11
N GLY B 18 -5.76 10.45 -8.87
CA GLY B 18 -5.51 11.02 -7.56
C GLY B 18 -4.30 11.94 -7.46
N LYS B 19 -3.75 12.36 -8.60
CA LYS B 19 -2.48 13.10 -8.54
C LYS B 19 -2.57 14.47 -7.91
N THR B 20 -3.65 15.19 -8.17
CA THR B 20 -3.80 16.51 -7.57
C THR B 20 -3.89 16.39 -6.06
N THR B 21 -4.61 15.37 -5.60
CA THR B 21 -4.74 15.11 -4.18
C THR B 21 -3.39 14.78 -3.54
N ILE B 22 -2.59 13.95 -4.20
CA ILE B 22 -1.30 13.56 -3.65
C ILE B 22 -0.36 14.76 -3.58
N ILE B 23 -0.32 15.56 -4.63
CA ILE B 23 0.59 16.71 -4.64
C ILE B 23 0.15 17.76 -3.63
N GLU B 24 -1.16 17.85 -3.38
CA GLU B 24 -1.66 18.75 -2.35
C GLU B 24 -1.14 18.36 -0.96
N ARG B 25 -0.97 17.07 -0.69
CA ARG B 25 -0.36 16.65 0.59
C ARG B 25 1.08 17.13 0.71
N LEU B 26 1.79 17.10 -0.41
CA LEU B 26 3.23 17.34 -0.43
C LEU B 26 3.58 18.80 -0.37
N LYS B 27 2.67 19.63 -0.85
CA LYS B 27 2.88 21.05 -0.85
C LYS B 27 1.55 21.72 -1.02
N PRO B 28 0.82 21.90 0.09
CA PRO B 28 -0.52 22.51 0.07
C PRO B 28 -0.52 23.86 -0.64
N ARG B 29 -1.49 24.02 -1.54
CA ARG B 29 -1.67 25.23 -2.30
C ARG B 29 -1.84 26.43 -1.39
N PRO B 30 -1.24 27.58 -1.75
CA PRO B 30 -1.31 28.84 -1.00
C PRO B 30 -2.73 29.35 -0.78
N ARG B 31 -3.67 28.41 -0.66
CA ARG B 31 -4.91 28.62 0.07
C ARG B 31 -5.86 29.61 -0.59
N GLN B 32 -5.75 30.87 -0.16
CA GLN B 32 -6.62 31.90 -0.68
C GLN B 32 -6.03 32.54 -1.92
N ALA B 33 -6.94 33.10 -2.73
CA ALA B 33 -6.61 33.82 -3.95
C ALA B 33 -7.95 34.30 -4.51
N ALA B 34 -7.89 35.23 -5.46
CA ALA B 34 -9.09 35.64 -6.18
C ALA B 34 -9.46 34.47 -7.05
N GLU B 35 -10.72 34.36 -7.45
CA GLU B 35 -11.05 33.18 -8.23
C GLU B 35 -10.38 33.17 -9.59
N VAL B 36 -10.05 31.94 -9.99
CA VAL B 36 -9.36 31.69 -11.22
C VAL B 36 -10.46 31.41 -12.23
N ALA B 37 -10.31 31.98 -13.42
CA ALA B 37 -11.26 31.73 -14.49
C ALA B 37 -11.24 30.25 -14.83
N PRO B 38 -12.35 29.72 -15.37
CA PRO B 38 -12.43 28.33 -15.83
C PRO B 38 -11.28 28.04 -16.79
N THR B 39 -10.73 26.84 -16.73
CA THR B 39 -9.61 26.49 -17.58
C THR B 39 -10.03 26.20 -19.00
N VAL B 40 -9.14 26.55 -19.93
CA VAL B 40 -9.39 26.29 -21.34
C VAL B 40 -8.29 25.39 -21.87
N GLY B 41 -8.70 24.25 -22.40
CA GLY B 41 -7.80 23.31 -23.03
C GLY B 41 -7.03 22.43 -22.09
N PHE B 42 -5.90 21.97 -22.61
CA PHE B 42 -4.98 21.20 -21.82
C PHE B 42 -4.34 22.11 -20.79
N THR B 43 -4.36 21.67 -19.53
CA THR B 43 -3.90 22.51 -18.44
C THR B 43 -2.94 21.74 -17.54
N VAL B 44 -1.91 22.43 -17.10
CA VAL B 44 -0.90 21.87 -16.22
C VAL B 44 -0.87 22.70 -14.95
N ASP B 45 -0.53 22.05 -13.83
CA ASP B 45 -0.31 22.79 -12.60
C ASP B 45 1.16 22.68 -12.22
N GLU B 46 1.76 23.79 -11.82
CA GLU B 46 3.17 23.76 -11.43
C GLU B 46 3.24 24.04 -9.96
N VAL B 47 3.91 23.16 -9.23
CA VAL B 47 4.02 23.26 -7.79
C VAL B 47 5.46 23.22 -7.35
N GLU B 48 5.92 24.26 -6.65
CA GLU B 48 7.31 24.27 -6.19
C GLU B 48 7.42 23.74 -4.76
N LYS B 49 8.45 22.92 -4.54
CA LYS B 49 8.71 22.35 -3.22
C LYS B 49 10.22 22.36 -3.05
N GLY B 50 10.75 23.48 -2.54
CA GLY B 50 12.19 23.65 -2.51
C GLY B 50 12.73 23.66 -3.93
N PRO B 51 13.84 22.95 -4.19
CA PRO B 51 14.43 22.89 -5.53
C PRO B 51 13.58 22.11 -6.53
N LEU B 52 12.61 21.35 -6.03
CA LEU B 52 11.74 20.55 -6.88
C LEU B 52 10.66 21.41 -7.51
N THR B 53 10.39 21.18 -8.79
CA THR B 53 9.16 21.69 -9.39
C THR B 53 8.38 20.51 -9.92
N PHE B 54 7.16 20.35 -9.41
CA PHE B 54 6.24 19.33 -9.92
C PHE B 54 5.43 19.95 -11.05
N THR B 55 5.45 19.30 -12.21
CA THR B 55 4.57 19.70 -13.30
C THR B 55 3.51 18.62 -13.40
N VAL B 56 2.26 18.99 -13.06
CA VAL B 56 1.19 18.00 -12.83
C VAL B 56 0.13 18.10 -13.91
N PHE B 57 -0.15 16.98 -14.58
CA PHE B 57 -1.16 16.98 -15.64
C PHE B 57 -1.75 15.60 -15.88
N ASP B 58 -2.92 15.59 -16.51
CA ASP B 58 -3.63 14.37 -16.84
C ASP B 58 -3.34 13.91 -18.27
N MET B 59 -3.18 12.59 -18.42
CA MET B 59 -2.96 11.98 -19.73
C MET B 59 -4.26 11.47 -20.32
N SER B 60 -5.30 12.29 -20.20
CA SER B 60 -6.62 11.98 -20.73
C SER B 60 -6.80 12.55 -22.14
N GLY B 61 -7.67 11.90 -22.93
CA GLY B 61 -8.02 12.39 -24.24
C GLY B 61 -7.27 11.78 -25.42
N ALA B 62 -6.37 10.84 -25.13
CA ALA B 62 -5.54 10.21 -26.16
C ALA B 62 -4.80 11.22 -27.02
N GLY B 63 -4.93 11.12 -28.34
CA GLY B 63 -4.20 11.98 -29.25
C GLY B 63 -4.63 13.45 -29.25
N ARG B 64 -5.70 13.76 -28.54
CA ARG B 64 -6.21 15.12 -28.53
C ARG B 64 -5.20 16.15 -28.02
N TYR B 65 -4.61 15.84 -26.86
CA TYR B 65 -3.65 16.74 -26.21
C TYR B 65 -2.28 16.12 -26.04
N ARG B 66 -2.11 14.87 -26.46
CA ARG B 66 -0.87 14.15 -26.18
C ARG B 66 0.38 14.91 -26.61
N THR B 67 0.34 15.51 -27.79
CA THR B 67 1.49 16.27 -28.27
C THR B 67 1.79 17.45 -27.37
N LEU B 68 0.76 18.01 -26.74
CA LEU B 68 0.97 19.12 -25.81
C LEU B 68 1.73 18.69 -24.56
N TRP B 69 1.34 17.58 -23.95
CA TRP B 69 2.06 17.16 -22.75
C TRP B 69 3.46 16.59 -23.00
N GLU B 70 3.71 16.06 -24.19
CA GLU B 70 5.03 15.51 -24.53
C GLU B 70 6.13 16.58 -24.56
N GLN B 71 5.72 17.85 -24.66
CA GLN B 71 6.63 18.99 -24.65
C GLN B 71 7.34 19.14 -23.31
N TYR B 72 6.77 18.52 -22.27
CA TYR B 72 7.34 18.55 -20.93
C TYR B 72 8.40 17.48 -20.67
N TYR B 73 8.58 16.56 -21.63
CA TYR B 73 9.48 15.43 -21.44
C TYR B 73 10.95 15.82 -21.45
N ARG B 74 11.33 16.73 -22.34
CA ARG B 74 12.74 17.07 -22.58
C ARG B 74 13.51 17.44 -21.31
N GLU B 75 12.85 18.20 -20.44
CA GLU B 75 13.50 18.64 -19.21
C GLU B 75 13.15 17.83 -17.97
N ALA B 76 12.36 16.76 -18.14
CA ALA B 76 11.95 15.93 -17.01
C ALA B 76 13.14 15.21 -16.39
N ASP B 77 13.31 15.34 -15.07
CA ASP B 77 14.38 14.68 -14.33
C ASP B 77 13.87 13.43 -13.61
N ALA B 78 12.54 13.30 -13.55
CA ALA B 78 11.92 12.15 -12.91
C ALA B 78 10.43 12.21 -13.22
N VAL B 79 9.74 11.08 -13.03
CA VAL B 79 8.31 10.99 -13.28
C VAL B 79 7.64 10.31 -12.09
N VAL B 80 6.51 10.88 -11.66
CA VAL B 80 5.59 10.20 -10.73
C VAL B 80 4.38 9.85 -11.56
N PHE B 81 4.10 8.56 -11.69
CA PHE B 81 2.97 8.06 -12.48
C PHE B 81 1.92 7.55 -11.51
N VAL B 82 0.80 8.26 -11.42
CA VAL B 82 -0.25 7.92 -10.46
C VAL B 82 -1.31 7.06 -11.14
N VAL B 83 -1.63 5.92 -10.52
CA VAL B 83 -2.59 4.97 -11.07
C VAL B 83 -3.72 4.75 -10.07
N ASP B 84 -4.96 4.77 -10.54
CA ASP B 84 -6.08 4.35 -9.69
C ASP B 84 -6.07 2.82 -9.59
N SER B 85 -5.68 2.28 -8.43
CA SER B 85 -5.57 0.84 -8.24
C SER B 85 -6.88 0.08 -8.42
N ALA B 86 -7.99 0.80 -8.34
CA ALA B 86 -9.30 0.17 -8.35
C ALA B 86 -10.00 0.28 -9.70
N ASP B 87 -9.30 0.78 -10.71
CA ASP B 87 -9.90 0.97 -12.02
C ASP B 87 -9.14 0.16 -13.06
N LYS B 88 -9.42 -1.15 -13.11
CA LYS B 88 -8.72 -2.05 -14.02
C LYS B 88 -8.95 -1.68 -15.48
N LEU B 89 -10.19 -1.32 -15.82
CA LEU B 89 -10.48 -0.95 -17.21
C LEU B 89 -9.61 0.15 -17.75
N ARG B 90 -9.42 1.20 -16.95
CA ARG B 90 -8.64 2.35 -17.37
C ARG B 90 -7.14 2.09 -17.35
N MET B 91 -6.72 1.00 -16.71
CA MET B 91 -5.32 0.61 -16.77
C MET B 91 -4.90 0.28 -18.20
N VAL B 92 -5.86 -0.09 -19.04
CA VAL B 92 -5.57 -0.31 -20.46
C VAL B 92 -5.06 0.99 -21.07
N VAL B 93 -5.77 2.08 -20.79
CA VAL B 93 -5.36 3.37 -21.33
C VAL B 93 -4.09 3.87 -20.64
N ALA B 94 -3.97 3.68 -19.32
CA ALA B 94 -2.78 4.10 -18.60
C ALA B 94 -1.53 3.42 -19.16
N ARG B 95 -1.64 2.12 -19.42
CA ARG B 95 -0.55 1.37 -20.03
C ARG B 95 -0.15 1.96 -21.37
N ASP B 96 -1.15 2.23 -22.22
CA ASP B 96 -0.86 2.83 -23.50
C ASP B 96 -0.15 4.19 -23.38
N GLU B 97 -0.68 5.07 -22.53
CA GLU B 97 -0.06 6.39 -22.40
C GLU B 97 1.34 6.32 -21.81
N MET B 98 1.54 5.36 -20.91
CA MET B 98 2.86 5.11 -20.35
C MET B 98 3.85 4.70 -21.44
N GLU B 99 3.38 3.84 -22.35
CA GLU B 99 4.20 3.36 -23.45
C GLU B 99 4.58 4.48 -24.41
N HIS B 100 3.64 5.37 -24.73
CA HIS B 100 3.97 6.56 -25.52
C HIS B 100 5.06 7.37 -24.85
N MET B 101 4.97 7.53 -23.52
CA MET B 101 5.95 8.29 -22.77
C MET B 101 7.34 7.65 -22.84
N LEU B 102 7.42 6.35 -22.57
CA LEU B 102 8.68 5.62 -22.58
C LEU B 102 9.37 5.63 -23.94
N LYS B 103 8.58 5.59 -25.01
CA LYS B 103 9.14 5.53 -26.35
C LYS B 103 9.49 6.89 -26.92
N HIS B 104 9.07 7.95 -26.23
CA HIS B 104 9.29 9.28 -26.74
C HIS B 104 10.77 9.65 -26.70
N SER B 105 11.28 10.23 -27.79
CA SER B 105 12.70 10.49 -27.90
C SER B 105 13.21 11.56 -26.93
N ASN B 106 12.30 12.40 -26.42
CA ASN B 106 12.69 13.45 -25.47
C ASN B 106 12.63 13.01 -24.02
N MET B 107 12.02 11.86 -23.75
CA MET B 107 12.02 11.34 -22.39
C MET B 107 13.34 10.62 -22.13
N ARG B 108 14.16 11.18 -21.26
CA ARG B 108 15.43 10.57 -20.90
C ARG B 108 15.15 9.39 -19.97
N LYS B 109 16.18 8.58 -19.72
CA LYS B 109 16.00 7.39 -18.90
C LYS B 109 16.06 7.76 -17.43
N VAL B 110 15.02 8.48 -16.98
CA VAL B 110 14.95 9.00 -15.63
C VAL B 110 14.04 8.14 -14.74
N PRO B 111 14.23 8.20 -13.41
CA PRO B 111 13.46 7.31 -12.53
C PRO B 111 11.95 7.54 -12.63
N ILE B 112 11.18 6.46 -12.53
CA ILE B 112 9.73 6.56 -12.47
C ILE B 112 9.20 5.93 -11.18
N LEU B 113 8.55 6.76 -10.37
CA LEU B 113 7.79 6.27 -9.22
C LEU B 113 6.35 6.07 -9.62
N TYR B 114 5.83 4.86 -9.44
CA TYR B 114 4.41 4.56 -9.68
C TYR B 114 3.70 4.53 -8.34
N PHE B 115 2.70 5.39 -8.18
CA PHE B 115 1.83 5.29 -7.01
C PHE B 115 0.63 4.41 -7.38
N ALA B 116 0.52 3.26 -6.71
CA ALA B 116 -0.69 2.45 -6.81
C ALA B 116 -1.67 3.07 -5.81
N ASN B 117 -2.38 4.09 -6.27
CA ASN B 117 -3.20 4.93 -5.41
C ASN B 117 -4.57 4.33 -5.13
N LYS B 118 -5.23 4.87 -4.10
CA LYS B 118 -6.54 4.39 -3.63
C LYS B 118 -6.46 2.98 -3.07
N LYS B 119 -5.38 2.71 -2.33
CA LYS B 119 -5.21 1.41 -1.68
C LYS B 119 -6.29 1.14 -0.63
N ASP B 120 -7.04 2.18 -0.25
CA ASP B 120 -8.13 2.05 0.73
C ASP B 120 -9.37 1.41 0.14
N LEU B 121 -9.50 1.40 -1.18
CA LEU B 121 -10.69 0.82 -1.79
C LEU B 121 -10.57 -0.71 -1.80
N PRO B 122 -11.63 -1.41 -1.37
CA PRO B 122 -11.62 -2.89 -1.31
C PRO B 122 -11.25 -3.57 -2.63
N VAL B 123 -11.59 -2.98 -3.78
CA VAL B 123 -11.28 -3.64 -5.05
C VAL B 123 -9.92 -3.24 -5.61
N ALA B 124 -9.10 -2.54 -4.81
CA ALA B 124 -7.77 -2.15 -5.25
C ALA B 124 -6.96 -3.37 -5.65
N MET B 125 -6.33 -3.30 -6.82
CA MET B 125 -5.43 -4.36 -7.25
C MET B 125 -4.10 -4.22 -6.52
N PRO B 126 -3.53 -5.35 -6.06
CA PRO B 126 -2.22 -5.27 -5.40
C PRO B 126 -1.16 -4.77 -6.37
N PRO B 127 -0.09 -4.15 -5.85
CA PRO B 127 0.93 -3.56 -6.72
C PRO B 127 1.55 -4.53 -7.73
N VAL B 128 1.76 -5.80 -7.37
CA VAL B 128 2.38 -6.73 -8.33
C VAL B 128 1.46 -6.95 -9.54
N GLU B 129 0.16 -6.92 -9.30
CA GLU B 129 -0.82 -7.08 -10.36
C GLU B 129 -0.88 -5.86 -11.26
N ILE B 130 -0.73 -4.68 -10.66
CA ILE B 130 -0.66 -3.45 -11.44
C ILE B 130 0.60 -3.44 -12.30
N ALA B 131 1.72 -3.88 -11.72
CA ALA B 131 2.97 -3.98 -12.47
C ALA B 131 2.79 -4.89 -13.66
N GLN B 132 2.09 -6.01 -13.48
CA GLN B 132 1.83 -6.92 -14.58
C GLN B 132 0.90 -6.28 -15.62
N ALA B 133 -0.15 -5.61 -15.15
CA ALA B 133 -1.09 -4.93 -16.03
C ALA B 133 -0.41 -3.88 -16.91
N LEU B 134 0.52 -3.12 -16.32
CA LEU B 134 1.20 -2.05 -17.05
C LEU B 134 2.42 -2.51 -17.84
N GLY B 135 2.91 -3.70 -17.55
CA GLY B 135 4.11 -4.22 -18.17
C GLY B 135 5.40 -3.62 -17.62
N LEU B 136 5.40 -3.32 -16.32
CA LEU B 136 6.54 -2.64 -15.71
C LEU B 136 7.81 -3.47 -15.70
N ASP B 137 7.68 -4.80 -15.67
CA ASP B 137 8.87 -5.65 -15.71
C ASP B 137 9.66 -5.54 -17.01
N ASP B 138 9.02 -5.03 -18.07
CA ASP B 138 9.71 -4.82 -19.32
C ASP B 138 10.59 -3.56 -19.30
N ILE B 139 10.44 -2.74 -18.26
CA ILE B 139 11.26 -1.54 -18.12
C ILE B 139 12.58 -1.90 -17.45
N LYS B 140 13.65 -1.96 -18.24
CA LYS B 140 14.91 -2.46 -17.73
C LYS B 140 16.04 -1.44 -17.86
N ASP B 141 15.70 -0.24 -18.32
CA ASP B 141 16.73 0.75 -18.66
C ASP B 141 16.75 1.98 -17.75
N ARG B 142 15.93 1.95 -16.70
CA ARG B 142 15.83 3.08 -15.77
C ARG B 142 15.23 2.58 -14.46
N PRO B 143 15.49 3.30 -13.37
CA PRO B 143 14.92 2.84 -12.09
C PRO B 143 13.41 3.04 -12.04
N TRP B 144 12.71 2.10 -11.43
CA TRP B 144 11.28 2.29 -11.19
C TRP B 144 10.88 1.55 -9.92
N GLN B 145 9.78 2.00 -9.32
CA GLN B 145 9.27 1.42 -8.09
C GLN B 145 7.78 1.63 -8.10
N ILE B 146 7.03 0.64 -7.59
CA ILE B 146 5.60 0.82 -7.39
C ILE B 146 5.31 0.79 -5.90
N VAL B 147 4.59 1.81 -5.43
CA VAL B 147 4.30 2.02 -4.00
C VAL B 147 2.80 2.25 -3.81
N PRO B 148 2.13 1.44 -2.99
CA PRO B 148 0.70 1.69 -2.73
C PRO B 148 0.52 2.95 -1.90
N SER B 149 -0.52 3.72 -2.20
CA SER B 149 -0.76 4.98 -1.51
C SER B 149 -2.23 5.20 -1.23
N ASN B 150 -2.50 6.01 -0.22
CA ASN B 150 -3.82 6.53 0.05
C ASN B 150 -3.66 8.04 -0.03
N GLY B 151 -4.17 8.64 -1.11
CA GLY B 151 -4.03 10.06 -1.31
C GLY B 151 -4.80 10.90 -0.31
N LEU B 152 -5.82 10.32 0.30
CA LEU B 152 -6.65 11.05 1.24
C LEU B 152 -5.97 11.22 2.60
N THR B 153 -5.23 10.19 3.03
CA THR B 153 -4.53 10.22 4.31
C THR B 153 -3.04 10.55 4.15
N GLY B 154 -2.53 10.30 2.95
CA GLY B 154 -1.12 10.50 2.68
C GLY B 154 -0.31 9.24 2.93
N GLU B 155 -0.94 8.16 3.39
CA GLU B 155 -0.17 6.95 3.71
C GLU B 155 0.55 6.41 2.47
N GLY B 156 1.85 6.19 2.59
CA GLY B 156 2.67 5.70 1.49
C GLY B 156 3.31 6.76 0.62
N VAL B 157 2.80 7.99 0.69
CA VAL B 157 3.29 9.05 -0.21
C VAL B 157 4.74 9.41 0.08
N ASP B 158 5.05 9.68 1.35
CA ASP B 158 6.40 10.03 1.73
C ASP B 158 7.46 8.95 1.39
N LYS B 159 7.11 7.70 1.62
CA LYS B 159 8.01 6.61 1.27
C LYS B 159 8.35 6.63 -0.21
N GLY B 160 7.34 6.86 -1.04
CA GLY B 160 7.55 6.91 -2.47
C GLY B 160 8.41 8.08 -2.88
N ILE B 161 8.08 9.27 -2.40
CA ILE B 161 8.84 10.46 -2.75
C ILE B 161 10.30 10.35 -2.29
N ASP B 162 10.54 9.77 -1.11
CA ASP B 162 11.91 9.59 -0.63
C ASP B 162 12.72 8.67 -1.53
N TRP B 163 12.07 7.63 -2.04
CA TRP B 163 12.71 6.75 -3.01
C TRP B 163 13.13 7.52 -4.25
N LEU B 164 12.22 8.32 -4.76
CA LEU B 164 12.46 9.06 -5.99
C LEU B 164 13.55 10.11 -5.79
N ALA B 165 13.48 10.84 -4.68
CA ALA B 165 14.42 11.93 -4.44
C ALA B 165 15.88 11.45 -4.37
N GLU B 166 16.09 10.29 -3.77
CA GLU B 166 17.45 9.75 -3.69
C GLU B 166 17.96 9.22 -5.02
N ARG B 167 17.06 9.00 -5.99
CA ARG B 167 17.48 8.50 -7.30
C ARG B 167 17.70 9.57 -8.36
N LEU B 168 17.47 10.82 -7.99
CA LEU B 168 17.74 11.92 -8.90
C LEU B 168 19.21 12.02 -9.25
N SER B 169 19.49 12.39 -10.50
CA SER B 169 20.85 12.65 -10.95
C SER B 169 20.89 13.71 -12.03
PB GDP C . -1.83 -13.74 23.51
O1B GDP C . -0.85 -14.73 24.09
O2B GDP C . -1.36 -13.36 22.12
O3B GDP C . -3.24 -14.18 23.39
O3A GDP C . -1.89 -12.43 24.41
PA GDP C . -2.94 -12.18 25.61
O1A GDP C . -2.99 -13.36 26.52
O2A GDP C . -4.29 -11.82 25.06
O5' GDP C . -2.23 -10.91 26.28
C5' GDP C . -0.91 -10.95 26.83
C4' GDP C . -0.81 -9.84 27.86
O4' GDP C . -0.84 -8.56 27.22
C3' GDP C . -2.01 -9.88 28.78
O3' GDP C . -1.52 -9.70 30.11
C2' GDP C . -2.87 -8.68 28.39
O2' GDP C . -3.56 -8.12 29.51
C1' GDP C . -1.84 -7.72 27.83
N9 GDP C . -2.35 -6.83 26.78
C8 GDP C . -3.09 -7.19 25.71
N7 GDP C . -3.33 -6.09 24.93
C5 GDP C . -2.72 -5.03 25.50
C6 GDP C . -2.56 -3.59 25.21
O6 GDP C . -3.09 -3.12 24.16
N1 GDP C . -1.85 -2.84 26.05
C2 GDP C . -1.26 -3.34 27.16
N2 GDP C . -0.55 -2.51 27.98
N3 GDP C . -1.37 -4.66 27.49
C4 GDP C . -2.06 -5.53 26.72
CD CD D . 12.27 -19.96 10.22
CD CD E . -3.77 -16.47 23.83
CD CD F . -3.66 -17.44 21.50
CD CD G . -13.97 -19.47 2.40
CD CD H . 4.64 -19.68 10.78
CD CD I . -16.63 -18.43 0.85
PB GDP J . -6.58 13.54 -10.64
O1B GDP J . -7.65 13.72 -11.69
O2B GDP J . -5.57 12.47 -11.00
O3B GDP J . -5.86 14.79 -10.28
O3A GDP J . -7.26 13.00 -9.29
PA GDP J . -7.83 13.86 -8.06
O1A GDP J . -8.70 15.00 -8.52
O2A GDP J . -6.69 14.23 -7.13
O5' GDP J . -8.69 12.71 -7.35
C5' GDP J . -9.83 12.13 -8.01
C4' GDP J . -10.81 11.60 -6.98
O4' GDP J . -10.17 10.56 -6.24
C3' GDP J . -11.16 12.67 -5.96
O3' GDP J . -12.55 12.52 -5.60
C2' GDP J . -10.27 12.37 -4.76
O2' GDP J . -10.83 12.75 -3.50
C1' GDP J . -10.21 10.86 -4.84
N9 GDP J . -8.99 10.26 -4.29
C8 GDP J . -7.71 10.64 -4.49
N7 GDP J . -6.87 9.79 -3.86
C5 GDP J . -7.63 8.81 -3.29
C6 GDP J . -7.39 7.62 -2.49
O6 GDP J . -6.23 7.27 -2.22
N1 GDP J . -8.45 6.90 -2.08
C2 GDP J . -9.73 7.23 -2.38
N2 GDP J . -10.73 6.44 -1.92
N3 GDP J . -10.02 8.34 -3.13
C4 GDP J . -9.02 9.13 -3.59
CD CD K . 10.54 11.86 3.74
CD CD L . -6.08 16.78 -11.11
CD CD M . -5.64 2.81 3.34
CD CD N . 17.40 19.26 -14.41
#